data_7HDR
#
_entry.id   7HDR
#
_cell.length_a   88.716
_cell.length_b   88.716
_cell.length_c   39.460
_cell.angle_alpha   90.000
_cell.angle_beta   90.000
_cell.angle_gamma   90.000
#
_symmetry.space_group_name_H-M   'P 43'
#
loop_
_entity.id
_entity.type
_entity.pdbx_description
1 polymer 'Non-structural protein 3'
2 non-polymer 'trifluoroacetic acid'
3 non-polymer (2S)-3-(4-fluorophenyl)-2-[(7H-pyrrolo[2,3-d]pyrimidin-4-yl)amino]propan-1-ol
4 non-polymer (2R)-3-(4-fluorophenyl)-2-[(7H-pyrrolo[2,3-d]pyrimidin-4-yl)amino]propan-1-ol
5 non-polymer 'CHLORIDE ION'
6 water water
#
_entity_poly.entity_id   1
_entity_poly.type   'polypeptide(L)'
_entity_poly.pdbx_seq_one_letter_code
;SMVNSFSGYLKLTDNVYIKNADIVEEAKKVKPTVVVNAANVYLKHGGGVAGALNKATNNAMQVESDDYIATNGPLKVGGS
CVLSGHNLAKHCLHVVGPNVNKGEDIQLLKSAYENFNQHEVLLAPLLSAGIFGADPIHSLRVCVDTVRTNVYLAVFDKNL
YDKLVSSFL
;
_entity_poly.pdbx_strand_id   A,B
#
# COMPACT_ATOMS: atom_id res chain seq x y z
N VAL A 3 8.17 12.73 18.83
CA VAL A 3 9.23 13.57 18.27
C VAL A 3 10.16 12.73 17.40
N ASN A 4 10.46 13.25 16.20
CA ASN A 4 11.43 12.62 15.31
C ASN A 4 12.46 13.68 14.86
N SER A 5 13.41 13.25 14.04
N SER A 5 13.40 13.25 14.03
CA SER A 5 14.54 14.08 13.66
CA SER A 5 14.53 14.07 13.65
C SER A 5 14.36 14.76 12.30
C SER A 5 14.35 14.77 12.31
N PHE A 6 13.16 14.72 11.72
CA PHE A 6 12.91 15.44 10.48
C PHE A 6 12.85 16.93 10.78
N SER A 7 13.51 17.73 9.94
N SER A 7 13.53 17.74 9.96
CA SER A 7 13.69 19.15 10.21
CA SER A 7 13.70 19.16 10.22
C SER A 7 13.32 19.99 8.98
C SER A 7 13.36 19.97 8.99
N GLY A 8 12.64 21.12 9.22
N GLY A 8 12.87 21.19 9.22
CA GLY A 8 12.38 22.07 8.17
CA GLY A 8 12.57 22.12 8.16
C GLY A 8 11.20 21.75 7.26
C GLY A 8 11.37 21.77 7.31
N TYR A 9 10.32 20.85 7.68
N TYR A 9 10.53 20.84 7.76
CA TYR A 9 9.15 20.50 6.89
CA TYR A 9 9.38 20.43 6.97
C TYR A 9 8.00 21.45 7.18
C TYR A 9 8.19 21.35 7.22
N LEU A 10 7.21 21.71 6.15
N LEU A 10 7.58 21.82 6.14
CA LEU A 10 5.93 22.37 6.29
CA LEU A 10 6.31 22.54 6.23
C LEU A 10 4.88 21.31 6.58
C LEU A 10 5.21 21.53 6.54
N LYS A 11 3.98 21.59 7.54
N LYS A 11 4.48 21.76 7.62
CA LYS A 11 2.92 20.66 7.93
CA LYS A 11 3.39 20.88 8.00
C LYS A 11 1.72 20.91 7.05
C LYS A 11 2.20 21.12 7.07
N LEU A 12 1.29 19.89 6.29
N LEU A 12 1.77 20.08 6.36
CA LEU A 12 0.11 20.06 5.46
CA LEU A 12 0.62 20.20 5.46
C LEU A 12 -1.17 19.61 6.16
C LEU A 12 -0.68 19.77 6.13
N THR A 13 -1.10 18.49 6.89
N THR A 13 -0.66 18.63 6.80
CA THR A 13 -2.25 17.93 7.60
CA THR A 13 -1.85 18.12 7.49
C THR A 13 -1.75 17.33 8.91
C THR A 13 -1.40 17.55 8.84
N ASP A 14 -2.65 16.65 9.62
N ASP A 14 -2.34 16.88 9.50
CA ASP A 14 -2.25 15.99 10.85
CA ASP A 14 -2.05 16.19 10.75
C ASP A 14 -1.01 15.12 10.66
C ASP A 14 -0.95 15.14 10.60
N ASN A 15 -0.91 14.41 9.53
N ASN A 15 -0.73 14.63 9.38
CA ASN A 15 0.10 13.38 9.35
CA ASN A 15 0.20 13.52 9.21
C ASN A 15 1.04 13.58 8.17
C ASN A 15 1.02 13.59 7.92
N VAL A 16 0.78 14.55 7.28
N VAL A 16 1.10 14.76 7.27
CA VAL A 16 1.57 14.75 6.07
CA VAL A 16 1.85 14.92 6.02
C VAL A 16 2.37 16.05 6.16
C VAL A 16 2.69 16.19 6.13
N TYR A 17 3.66 15.94 5.83
N TYR A 17 4.00 16.04 5.90
CA TYR A 17 4.63 17.02 5.89
CA TYR A 17 4.98 17.11 6.00
C TYR A 17 5.36 17.07 4.56
C TYR A 17 5.78 17.14 4.71
N ILE A 18 5.88 18.24 4.17
N ILE A 18 6.24 18.33 4.30
CA ILE A 18 6.49 18.40 2.86
CA ILE A 18 6.89 18.49 3.01
C ILE A 18 7.68 19.37 2.92
C ILE A 18 8.11 19.39 3.12
N LYS A 19 8.67 19.13 2.06
N LYS A 19 9.17 19.05 2.37
CA LYS A 19 9.89 19.93 2.04
CA LYS A 19 10.41 19.80 2.38
C LYS A 19 10.53 19.87 0.67
C LYS A 19 10.98 19.81 0.96
N ASN A 20 11.20 20.96 0.26
N ASN A 20 11.53 20.94 0.55
CA ASN A 20 12.04 20.95 -0.94
CA ASN A 20 12.19 21.05 -0.74
C ASN A 20 13.37 20.33 -0.55
C ASN A 20 13.60 20.50 -0.60
N ALA A 21 13.62 19.10 -1.01
N ALA A 21 13.76 19.21 -0.91
CA ALA A 21 14.83 18.41 -0.57
CA ALA A 21 15.04 18.55 -0.72
C ALA A 21 15.18 17.30 -1.56
C ALA A 21 15.09 17.28 -1.56
N ASP A 22 16.48 16.98 -1.60
N ASP A 22 16.32 16.89 -1.91
CA ASP A 22 17.00 15.82 -2.30
CA ASP A 22 16.56 15.60 -2.54
C ASP A 22 16.86 14.62 -1.37
C ASP A 22 16.36 14.49 -1.51
N ILE A 23 16.01 13.67 -1.75
N ILE A 23 15.50 13.53 -1.82
CA ILE A 23 15.69 12.54 -0.87
CA ILE A 23 15.21 12.45 -0.87
C ILE A 23 16.93 11.75 -0.50
C ILE A 23 16.48 11.69 -0.52
N VAL A 24 17.93 11.70 -1.39
N VAL A 24 17.43 11.63 -1.46
CA VAL A 24 19.18 11.03 -1.07
CA VAL A 24 18.70 10.97 -1.18
C VAL A 24 19.88 11.72 0.08
C VAL A 24 19.47 11.73 -0.10
N GLU A 25 20.04 13.05 -0.02
N GLU A 25 19.48 13.06 -0.18
CA GLU A 25 20.70 13.79 1.03
CA GLU A 25 20.15 13.86 0.85
C GLU A 25 19.89 13.78 2.33
C GLU A 25 19.38 13.82 2.17
N GLU A 26 18.56 13.84 2.21
N GLU A 26 18.05 13.82 2.11
CA GLU A 26 17.72 13.75 3.39
CA GLU A 26 17.26 13.68 3.33
C GLU A 26 17.89 12.40 4.10
C GLU A 26 17.52 12.34 4.00
N ALA A 27 17.87 11.32 3.34
N ALA A 27 17.66 11.28 3.20
CA ALA A 27 18.02 10.00 3.95
CA ALA A 27 17.94 9.96 3.78
C ALA A 27 19.36 9.85 4.64
C ALA A 27 19.34 9.92 4.38
N LYS A 28 20.43 10.31 4.00
N LYS A 28 20.33 10.45 3.68
CA LYS A 28 21.76 10.23 4.63
CA LYS A 28 21.71 10.37 4.16
C LYS A 28 21.80 11.02 5.93
C LYS A 28 21.91 11.10 5.48
N LYS A 29 21.13 12.16 5.97
N LYS A 29 21.02 12.02 5.85
CA LYS A 29 21.12 12.97 7.19
CA LYS A 29 21.16 12.77 7.09
C LYS A 29 20.26 12.34 8.28
C LYS A 29 20.30 12.21 8.21
N VAL A 30 19.03 11.93 7.92
CA VAL A 30 18.10 11.47 8.95
C VAL A 30 18.31 10.00 9.29
N LYS A 31 18.71 9.18 8.32
CA LYS A 31 18.73 7.73 8.44
C LYS A 31 17.39 7.23 8.98
N PRO A 32 16.31 7.48 8.25
CA PRO A 32 14.98 7.10 8.75
C PRO A 32 14.81 5.60 8.81
N THR A 33 13.80 5.19 9.56
CA THR A 33 13.45 3.77 9.59
C THR A 33 13.07 3.27 8.20
N VAL A 34 12.33 4.07 7.44
CA VAL A 34 11.85 3.69 6.12
C VAL A 34 12.06 4.84 5.15
N VAL A 35 12.79 4.60 4.07
CA VAL A 35 12.76 5.46 2.89
C VAL A 35 11.99 4.75 1.80
N VAL A 36 11.11 5.49 1.12
CA VAL A 36 10.34 4.95 0.00
C VAL A 36 11.09 5.20 -1.30
N ASN A 37 11.21 4.14 -2.10
CA ASN A 37 11.70 4.24 -3.47
C ASN A 37 10.54 4.27 -4.45
N ALA A 38 10.65 5.13 -5.45
CA ALA A 38 9.74 5.16 -6.59
C ALA A 38 10.19 4.09 -7.59
N ALA A 39 9.76 2.87 -7.32
N ALA A 39 9.80 2.86 -7.31
CA ALA A 39 10.21 1.67 -8.03
CA ALA A 39 10.29 1.72 -8.08
C ALA A 39 9.37 1.39 -9.27
C ALA A 39 9.36 1.40 -9.24
N ASN A 40 9.89 0.51 -10.12
N ASN A 40 9.91 0.70 -10.22
CA ASN A 40 9.11 -0.18 -11.14
CA ASN A 40 9.12 0.06 -11.27
C ASN A 40 9.03 -1.66 -10.79
C ASN A 40 8.96 -1.42 -10.95
N VAL A 41 8.16 -2.39 -11.51
N VAL A 41 8.16 -2.11 -11.77
CA VAL A 41 7.86 -3.77 -11.14
CA VAL A 41 7.79 -3.49 -11.46
C VAL A 41 9.07 -4.67 -11.22
C VAL A 41 8.98 -4.44 -11.49
N TYR A 42 10.07 -4.31 -12.04
N TYR A 42 10.07 -4.09 -12.17
CA TYR A 42 11.28 -5.10 -12.21
CA TYR A 42 11.23 -4.96 -12.30
C TYR A 42 12.38 -4.70 -11.24
C TYR A 42 12.34 -4.64 -11.30
N LEU A 43 12.11 -3.68 -10.42
CA LEU A 43 13.14 -3.13 -9.52
C LEU A 43 14.42 -2.79 -10.28
N LYS A 44 14.27 -2.23 -11.48
N LYS A 44 14.25 -2.25 -11.50
CA LYS A 44 15.40 -1.74 -12.27
CA LYS A 44 15.36 -1.72 -12.28
C LYS A 44 15.54 -0.26 -11.99
C LYS A 44 15.50 -0.25 -11.93
N HIS A 45 16.53 0.08 -11.17
CA HIS A 45 16.66 1.42 -10.60
C HIS A 45 17.56 2.28 -11.48
N GLY A 46 16.98 2.75 -12.59
N GLY A 46 17.02 2.63 -12.66
CA GLY A 46 17.75 3.43 -13.60
CA GLY A 46 17.85 3.23 -13.70
C GLY A 46 17.81 4.94 -13.50
C GLY A 46 18.01 4.73 -13.61
N GLY A 47 16.70 5.57 -13.14
N GLY A 47 17.00 5.41 -13.09
CA GLY A 47 16.61 7.01 -13.19
CA GLY A 47 17.02 6.85 -13.01
C GLY A 47 15.63 7.53 -12.15
C GLY A 47 15.94 7.34 -12.06
N GLY A 48 15.45 8.84 -12.16
N GLY A 48 15.80 8.67 -11.99
CA GLY A 48 14.57 9.44 -11.17
CA GLY A 48 14.81 9.25 -11.11
C GLY A 48 15.08 9.14 -9.77
C GLY A 48 15.16 9.03 -9.64
N VAL A 49 14.14 9.08 -8.83
N VAL A 49 14.12 8.91 -8.83
CA VAL A 49 14.48 8.77 -7.45
CA VAL A 49 14.31 8.57 -7.42
C VAL A 49 15.21 7.43 -7.35
C VAL A 49 15.09 7.28 -7.28
N ALA A 50 14.71 6.41 -8.06
N ALA A 50 14.72 6.26 -8.05
CA ALA A 50 15.29 5.08 -7.93
CA ALA A 50 15.35 4.95 -7.91
C ALA A 50 16.75 5.06 -8.36
C ALA A 50 16.80 4.98 -8.34
N GLY A 51 17.06 5.67 -9.51
N GLY A 51 17.09 5.61 -9.49
CA GLY A 51 18.44 5.71 -9.94
CA GLY A 51 18.47 5.69 -9.93
C GLY A 51 19.31 6.45 -8.95
C GLY A 51 19.34 6.46 -8.96
N ALA A 52 18.79 7.52 -8.36
CA ALA A 52 19.57 8.31 -7.40
C ALA A 52 19.79 7.53 -6.10
N LEU A 53 18.74 6.91 -5.56
CA LEU A 53 18.92 6.10 -4.35
C LEU A 53 19.90 4.97 -4.60
N ASN A 54 19.76 4.27 -5.71
CA ASN A 54 20.64 3.14 -5.96
C ASN A 54 22.10 3.61 -6.09
N LYS A 55 22.32 4.71 -6.81
CA LYS A 55 23.68 5.25 -6.94
C LYS A 55 24.29 5.53 -5.58
N ALA A 56 23.49 6.09 -4.67
CA ALA A 56 23.98 6.40 -3.33
C ALA A 56 24.36 5.16 -2.53
N THR A 57 23.79 4.00 -2.86
CA THR A 57 24.16 2.72 -2.24
C THR A 57 25.30 2.02 -2.97
N ASN A 58 25.93 2.68 -3.95
CA ASN A 58 27.03 2.06 -4.68
C ASN A 58 26.56 0.79 -5.41
N ASN A 59 25.31 0.78 -5.87
CA ASN A 59 24.67 -0.31 -6.62
C ASN A 59 24.26 -1.49 -5.73
N ALA A 60 24.45 -1.42 -4.42
CA ALA A 60 24.04 -2.53 -3.57
C ALA A 60 22.52 -2.71 -3.60
N MET A 61 21.76 -1.63 -3.73
CA MET A 61 20.31 -1.75 -3.86
C MET A 61 19.95 -2.56 -5.09
N GLN A 62 20.61 -2.31 -6.22
CA GLN A 62 20.32 -3.06 -7.44
C GLN A 62 20.67 -4.54 -7.29
N VAL A 63 21.82 -4.84 -6.67
CA VAL A 63 22.22 -6.23 -6.49
C VAL A 63 21.20 -6.99 -5.65
N GLU A 64 20.77 -6.38 -4.55
CA GLU A 64 19.75 -6.98 -3.69
C GLU A 64 18.45 -7.15 -4.45
N SER A 65 18.08 -6.14 -5.24
CA SER A 65 16.83 -6.16 -5.99
C SER A 65 16.82 -7.26 -7.04
N ASP A 66 17.96 -7.47 -7.71
CA ASP A 66 18.01 -8.50 -8.74
C ASP A 66 17.80 -9.88 -8.13
N ASP A 67 18.36 -10.12 -6.94
CA ASP A 67 18.11 -11.37 -6.25
C ASP A 67 16.64 -11.49 -5.85
N TYR A 68 16.03 -10.40 -5.38
CA TYR A 68 14.61 -10.43 -5.03
C TYR A 68 13.75 -10.83 -6.23
N ILE A 69 14.00 -10.22 -7.39
CA ILE A 69 13.21 -10.52 -8.59
C ILE A 69 13.45 -11.96 -9.05
N ALA A 70 14.70 -12.41 -9.01
CA ALA A 70 14.99 -13.78 -9.43
C ALA A 70 14.22 -14.79 -8.59
N THR A 71 13.99 -14.48 -7.32
CA THR A 71 13.26 -15.38 -6.44
C THR A 71 11.76 -15.24 -6.56
N ASN A 72 11.26 -14.00 -6.65
CA ASN A 72 9.84 -13.70 -6.46
C ASN A 72 9.12 -13.26 -7.70
N GLY A 73 9.82 -12.87 -8.76
CA GLY A 73 9.18 -12.30 -9.91
C GLY A 73 8.83 -10.84 -9.68
N PRO A 74 8.29 -10.20 -10.72
CA PRO A 74 8.03 -8.77 -10.63
C PRO A 74 6.94 -8.43 -9.62
N LEU A 75 7.01 -7.19 -9.13
CA LEU A 75 5.93 -6.64 -8.34
C LEU A 75 4.73 -6.34 -9.24
N LYS A 76 3.61 -6.02 -8.60
CA LYS A 76 2.42 -5.48 -9.26
C LYS A 76 2.50 -3.96 -9.28
N VAL A 77 1.96 -3.35 -10.33
CA VAL A 77 1.72 -1.90 -10.27
C VAL A 77 0.73 -1.64 -9.15
N GLY A 78 1.08 -0.72 -8.26
CA GLY A 78 0.34 -0.49 -7.03
C GLY A 78 0.88 -1.24 -5.84
N GLY A 79 1.83 -2.16 -6.05
CA GLY A 79 2.36 -2.99 -4.99
C GLY A 79 3.70 -2.50 -4.46
N SER A 80 4.27 -3.30 -3.56
CA SER A 80 5.48 -2.89 -2.87
C SER A 80 6.20 -4.11 -2.33
N CYS A 81 7.47 -3.90 -1.96
CA CYS A 81 8.19 -4.86 -1.14
C CYS A 81 9.13 -4.10 -0.22
N VAL A 82 9.45 -4.71 0.91
CA VAL A 82 10.41 -4.16 1.86
C VAL A 82 11.75 -4.83 1.66
N LEU A 83 12.78 -4.03 1.39
CA LEU A 83 14.15 -4.52 1.28
C LEU A 83 15.03 -3.68 2.19
N SER A 84 16.34 -3.93 2.16
CA SER A 84 17.25 -3.18 2.99
C SER A 84 17.30 -1.71 2.59
N GLY A 85 17.52 -0.84 3.57
CA GLY A 85 17.81 0.54 3.31
C GLY A 85 19.27 0.85 3.10
N HIS A 86 20.14 -0.17 3.20
CA HIS A 86 21.58 -0.01 2.94
C HIS A 86 22.12 1.11 3.81
N ASN A 87 22.90 2.03 3.27
CA ASN A 87 23.49 3.13 4.02
C ASN A 87 22.55 4.31 4.17
N LEU A 88 21.32 4.22 3.68
CA LEU A 88 20.41 5.36 3.64
C LEU A 88 19.32 5.33 4.70
N ALA A 89 18.93 4.15 5.16
CA ALA A 89 17.78 3.97 6.04
C ALA A 89 17.85 2.55 6.57
N LYS A 90 17.05 2.25 7.59
CA LYS A 90 16.96 0.86 8.02
C LYS A 90 16.38 -0.01 6.91
N HIS A 91 15.25 0.41 6.34
CA HIS A 91 14.53 -0.31 5.33
C HIS A 91 14.24 0.61 4.15
N CYS A 92 14.14 0.02 2.96
CA CYS A 92 13.59 0.69 1.80
C CYS A 92 12.30 0.01 1.40
N LEU A 93 11.21 0.79 1.38
CA LEU A 93 9.92 0.33 0.86
C LEU A 93 9.88 0.71 -0.62
N HIS A 94 10.04 -0.29 -1.48
CA HIS A 94 9.96 -0.09 -2.93
C HIS A 94 8.49 -0.12 -3.31
N VAL A 95 7.96 1.02 -3.78
CA VAL A 95 6.54 1.15 -4.11
C VAL A 95 6.41 1.47 -5.59
N VAL A 96 5.54 0.75 -6.29
CA VAL A 96 5.33 0.94 -7.72
C VAL A 96 4.06 1.77 -7.93
N GLY A 97 4.22 3.05 -8.23
N GLY A 97 4.23 3.05 -8.26
CA GLY A 97 3.11 3.83 -8.73
CA GLY A 97 3.13 3.85 -8.71
C GLY A 97 2.96 3.59 -10.22
C GLY A 97 2.88 3.63 -10.20
N PRO A 98 1.78 3.88 -10.76
N PRO A 98 1.66 3.90 -10.66
CA PRO A 98 1.62 3.80 -12.22
CA PRO A 98 1.36 3.68 -12.08
C PRO A 98 2.51 4.80 -12.94
C PRO A 98 2.14 4.63 -12.97
N ASN A 99 3.07 4.36 -14.07
N ASN A 99 2.67 4.10 -14.07
CA ASN A 99 3.90 5.20 -14.94
CA ASN A 99 3.41 4.88 -15.05
C ASN A 99 3.05 5.60 -16.14
C ASN A 99 2.42 5.34 -16.11
N VAL A 100 2.62 6.87 -16.15
N VAL A 100 2.15 6.64 -16.13
CA VAL A 100 1.76 7.36 -17.23
CA VAL A 100 1.17 7.20 -17.05
C VAL A 100 2.47 7.26 -18.57
C VAL A 100 1.63 7.07 -18.49
N ASN A 101 3.78 7.40 -18.59
N ASN A 101 2.95 7.15 -18.72
CA ASN A 101 4.51 7.26 -19.85
CA ASN A 101 3.48 7.01 -20.07
C ASN A 101 4.56 5.81 -20.34
C ASN A 101 3.25 5.61 -20.61
N LYS A 102 3.99 4.86 -19.59
N LYS A 102 3.16 4.61 -19.73
CA LYS A 102 3.78 3.49 -20.04
CA LYS A 102 2.82 3.25 -20.11
C LYS A 102 2.32 3.16 -20.27
C LYS A 102 1.31 3.04 -20.18
N GLY A 103 1.40 4.10 -20.05
N GLY A 103 0.51 4.08 -19.99
CA GLY A 103 -0.02 3.84 -20.23
CA GLY A 103 -0.93 3.92 -20.00
C GLY A 103 -0.70 3.16 -19.07
C GLY A 103 -1.50 3.23 -18.78
N GLU A 104 -0.17 3.27 -17.86
N GLU A 104 -0.72 3.13 -17.70
CA GLU A 104 -0.72 2.58 -16.70
CA GLU A 104 -1.18 2.41 -16.52
C GLU A 104 -1.80 3.42 -16.02
C GLU A 104 -2.21 3.24 -15.76
N ASP A 105 -2.75 2.72 -15.39
N ASP A 105 -3.21 2.53 -15.23
CA ASP A 105 -3.96 3.33 -14.87
CA ASP A 105 -4.38 3.18 -14.63
C ASP A 105 -3.65 4.19 -13.65
C ASP A 105 -3.97 4.10 -13.48
N ILE A 106 -4.00 5.48 -13.73
N ILE A 106 -4.26 5.39 -13.63
CA ILE A 106 -3.70 6.42 -12.65
CA ILE A 106 -3.93 6.35 -12.59
C ILE A 106 -4.49 6.08 -11.38
C ILE A 106 -4.67 6.03 -11.29
N GLN A 107 -5.61 5.38 -11.50
N GLN A 107 -5.81 5.33 -11.38
CA GLN A 107 -6.39 4.97 -10.32
CA GLN A 107 -6.48 4.89 -10.18
C GLN A 107 -5.54 4.11 -9.38
C GLN A 107 -5.62 3.96 -9.34
N LEU A 108 -4.54 3.42 -9.91
CA LEU A 108 -3.65 2.59 -9.12
C LEU A 108 -2.77 3.42 -8.20
N LEU A 109 -2.76 4.74 -8.34
CA LEU A 109 -1.96 5.56 -7.45
C LEU A 109 -2.44 5.45 -6.00
N LYS A 110 -3.75 5.38 -5.80
CA LYS A 110 -4.24 5.22 -4.43
C LYS A 110 -3.77 3.90 -3.83
N SER A 111 -3.87 2.82 -4.59
CA SER A 111 -3.36 1.53 -4.12
C SER A 111 -1.89 1.60 -3.76
N ALA A 112 -1.10 2.32 -4.58
CA ALA A 112 0.33 2.46 -4.29
C ALA A 112 0.54 3.16 -2.95
N TYR A 113 -0.17 4.26 -2.70
CA TYR A 113 -0.02 4.96 -1.44
C TYR A 113 -0.49 4.15 -0.24
N GLU A 114 -1.46 3.23 -0.43
CA GLU A 114 -1.93 2.42 0.68
C GLU A 114 -0.78 1.62 1.31
N ASN A 115 0.25 1.29 0.54
CA ASN A 115 1.39 0.58 1.12
C ASN A 115 2.03 1.35 2.27
N PHE A 116 1.97 2.69 2.20
CA PHE A 116 2.60 3.50 3.25
C PHE A 116 1.96 3.25 4.61
N ASN A 117 0.69 2.84 4.64
CA ASN A 117 -0.02 2.69 5.91
C ASN A 117 0.49 1.52 6.74
N GLN A 118 1.35 0.68 6.18
CA GLN A 118 1.95 -0.42 6.92
C GLN A 118 3.19 0.02 7.71
N HIS A 119 3.52 1.30 7.70
CA HIS A 119 4.71 1.84 8.35
C HIS A 119 4.36 3.11 9.09
N GLU A 120 4.79 3.21 10.34
CA GLU A 120 4.36 4.33 11.19
C GLU A 120 4.91 5.67 10.72
N VAL A 121 6.13 5.69 10.18
CA VAL A 121 6.79 6.91 9.74
C VAL A 121 7.61 6.58 8.49
N LEU A 122 7.54 7.45 7.49
CA LEU A 122 8.27 7.24 6.24
C LEU A 122 8.79 8.55 5.69
N LEU A 123 9.97 8.49 5.07
CA LEU A 123 10.48 9.51 4.16
C LEU A 123 10.16 9.06 2.75
N ALA A 124 9.56 9.93 1.93
N ALA A 124 9.48 9.89 1.97
CA ALA A 124 9.04 9.44 0.65
CA ALA A 124 8.96 9.44 0.69
C ALA A 124 9.03 10.53 -0.40
C ALA A 124 9.10 10.51 -0.36
N PRO A 125 9.06 10.15 -1.68
N PRO A 125 9.14 10.11 -1.64
CA PRO A 125 8.77 11.06 -2.78
CA PRO A 125 8.98 11.06 -2.73
C PRO A 125 7.28 10.99 -3.12
C PRO A 125 7.54 11.09 -3.16
N LEU A 126 6.85 11.94 -3.94
N LEU A 126 7.18 11.97 -4.09
CA LEU A 126 5.51 11.87 -4.52
CA LEU A 126 5.84 12.02 -4.64
C LEU A 126 5.46 10.75 -5.58
C LEU A 126 5.69 10.90 -5.67
N LEU A 127 4.60 9.76 -5.33
N LEU A 127 4.93 9.86 -5.34
CA LEU A 127 4.50 8.63 -6.23
CA LEU A 127 4.82 8.72 -6.24
C LEU A 127 3.93 9.06 -7.58
C LEU A 127 4.19 9.13 -7.57
N SER A 128 4.45 8.45 -8.63
N SER A 128 4.66 8.48 -8.63
CA SER A 128 4.06 8.66 -10.02
CA SER A 128 4.20 8.63 -10.01
C SER A 128 4.41 10.05 -10.55
C SER A 128 4.53 9.99 -10.62
N ALA A 129 5.08 10.89 -9.77
N ALA A 129 5.21 10.88 -9.90
CA ALA A 129 5.52 12.21 -10.21
CA ALA A 129 5.64 12.15 -10.46
C ALA A 129 6.83 12.05 -10.98
C ALA A 129 6.99 11.99 -11.16
N GLY A 130 7.43 13.18 -11.36
N GLY A 130 7.41 13.06 -11.82
CA GLY A 130 8.68 13.16 -12.09
CA GLY A 130 8.68 13.04 -12.52
C GLY A 130 8.55 12.36 -13.37
C GLY A 130 8.58 12.16 -13.75
N ILE A 131 9.55 11.52 -13.63
N ILE A 131 9.53 11.22 -13.85
CA ILE A 131 9.60 10.76 -14.89
CA ILE A 131 9.62 10.38 -15.04
C ILE A 131 8.49 9.71 -15.00
C ILE A 131 8.46 9.41 -15.16
N PHE A 132 7.70 9.48 -13.94
N PHE A 132 7.71 9.19 -14.08
CA PHE A 132 6.53 8.60 -14.06
CA PHE A 132 6.55 8.31 -14.17
C PHE A 132 5.32 9.30 -14.68
C PHE A 132 5.38 8.98 -14.89
N GLY A 133 5.38 10.62 -14.90
N GLY A 133 5.35 10.31 -14.96
CA GLY A 133 4.48 11.30 -15.81
CA GLY A 133 4.50 11.03 -15.89
C GLY A 133 3.12 11.71 -15.27
C GLY A 133 3.29 11.72 -15.28
N ALA A 134 2.83 11.52 -13.98
N ALA A 134 2.95 11.44 -14.03
CA ALA A 134 1.56 11.98 -13.44
CA ALA A 134 1.71 11.98 -13.47
C ALA A 134 1.66 13.42 -12.98
C ALA A 134 1.92 13.40 -12.94
N ASP A 135 0.50 14.01 -12.71
N ASP A 135 0.82 14.12 -12.81
CA ASP A 135 0.42 15.37 -12.19
CA ASP A 135 0.83 15.46 -12.27
C ASP A 135 0.83 15.36 -10.71
C ASP A 135 1.15 15.42 -10.78
N PRO A 136 1.88 16.06 -10.31
N PRO A 136 2.27 15.98 -10.34
CA PRO A 136 2.29 16.02 -8.89
CA PRO A 136 2.62 15.91 -8.91
C PRO A 136 1.27 16.61 -7.94
C PRO A 136 1.62 16.57 -7.98
N ILE A 137 0.50 17.62 -8.38
N ILE A 137 0.83 17.53 -8.47
CA ILE A 137 -0.57 18.14 -7.54
CA ILE A 137 -0.22 18.13 -7.64
C ILE A 137 -1.57 17.03 -7.22
C ILE A 137 -1.27 17.08 -7.30
N HIS A 138 -1.90 16.23 -8.22
N HIS A 138 -1.65 16.27 -8.28
CA HIS A 138 -2.76 15.08 -7.99
CA HIS A 138 -2.64 15.22 -8.05
C HIS A 138 -2.11 14.07 -7.07
C HIS A 138 -2.09 14.15 -7.09
N SER A 139 -0.82 13.78 -7.28
CA SER A 139 -0.18 12.81 -6.40
C SER A 139 -0.21 13.26 -4.95
N LEU A 140 0.04 14.54 -4.69
CA LEU A 140 -0.02 15.05 -3.32
C LEU A 140 -1.42 14.90 -2.74
N ARG A 141 -2.45 15.19 -3.54
CA ARG A 141 -3.83 15.06 -3.07
C ARG A 141 -4.13 13.61 -2.70
N VAL A 142 -3.75 12.67 -3.56
CA VAL A 142 -3.99 11.26 -3.26
C VAL A 142 -3.23 10.86 -2.00
N CYS A 143 -1.98 11.32 -1.86
CA CYS A 143 -1.22 11.03 -0.66
C CYS A 143 -1.98 11.46 0.60
N VAL A 144 -2.40 12.72 0.63
CA VAL A 144 -3.05 13.27 1.81
C VAL A 144 -4.34 12.52 2.11
N ASP A 145 -5.07 12.12 1.06
CA ASP A 145 -6.36 11.45 1.23
C ASP A 145 -6.25 9.94 1.42
N THR A 146 -5.05 9.37 1.39
CA THR A 146 -4.87 7.93 1.49
C THR A 146 -3.97 7.51 2.65
N VAL A 147 -2.85 8.20 2.83
CA VAL A 147 -1.90 7.84 3.87
C VAL A 147 -2.39 8.38 5.20
N ARG A 148 -2.43 7.51 6.21
CA ARG A 148 -2.81 7.86 7.56
C ARG A 148 -1.64 7.85 8.53
N THR A 149 -0.53 7.22 8.16
CA THR A 149 0.68 7.23 8.96
C THR A 149 1.47 8.50 8.64
N ASN A 150 2.57 8.71 9.35
CA ASN A 150 3.30 9.97 9.29
C ASN A 150 4.27 9.95 8.12
N VAL A 151 4.03 10.80 7.13
CA VAL A 151 4.81 10.80 5.91
C VAL A 151 5.48 12.16 5.72
N TYR A 152 6.79 12.10 5.46
CA TYR A 152 7.64 13.26 5.22
C TYR A 152 8.03 13.21 3.76
N LEU A 153 7.43 14.11 2.97
N LEU A 153 7.56 14.18 2.99
CA LEU A 153 7.56 14.14 1.52
CA LEU A 153 7.82 14.21 1.55
C LEU A 153 8.70 15.07 1.11
C LEU A 153 9.02 15.09 1.25
N ALA A 154 9.63 14.53 0.31
N ALA A 154 9.96 14.55 0.49
CA ALA A 154 10.74 15.29 -0.23
CA ALA A 154 11.11 15.28 0.00
C ALA A 154 10.45 15.57 -1.70
C ALA A 154 10.88 15.55 -1.48
N VAL A 155 10.39 16.84 -2.05
N VAL A 155 10.72 16.82 -1.83
CA VAL A 155 10.19 17.29 -3.43
CA VAL A 155 10.48 17.24 -3.21
CA VAL A 155 10.08 17.33 -3.42
C VAL A 155 11.50 17.91 -3.90
C VAL A 155 11.78 17.82 -3.76
C VAL A 155 11.41 17.84 -3.98
N PHE A 156 12.16 17.28 -4.88
N PHE A 156 12.27 17.21 -4.85
N PHE A 156 11.92 17.16 -5.00
CA PHE A 156 13.48 17.73 -5.32
CA PHE A 156 13.56 17.62 -5.40
CA PHE A 156 13.26 17.44 -5.53
C PHE A 156 13.41 19.11 -5.96
C PHE A 156 13.52 19.01 -6.00
C PHE A 156 13.33 18.83 -6.16
N ASP A 157 12.43 19.34 -6.82
N ASP A 157 12.47 19.32 -6.76
N ASP A 157 12.31 19.19 -6.93
CA ASP A 157 12.38 20.57 -7.61
CA ASP A 157 12.40 20.55 -7.55
CA ASP A 157 12.34 20.36 -7.79
C ASP A 157 11.82 21.72 -6.77
C ASP A 157 11.71 21.67 -6.77
C ASP A 157 11.85 21.56 -6.98
N LYS A 158 12.65 22.73 -6.53
N LYS A 158 12.21 22.89 -6.95
N LYS A 158 12.74 22.53 -6.75
CA LYS A 158 12.21 23.87 -5.72
CA LYS A 158 11.75 24.02 -6.15
CA LYS A 158 12.39 23.68 -5.93
C LYS A 158 11.02 24.56 -6.37
C LYS A 158 10.48 24.64 -6.74
C LYS A 158 11.19 24.42 -6.50
N ASN A 159 11.09 24.81 -7.67
N ASN A 159 10.45 24.86 -8.05
N ASN A 159 11.15 24.61 -7.82
CA ASN A 159 9.95 25.41 -8.35
CA ASN A 159 9.26 25.40 -8.68
CA ASN A 159 10.03 25.30 -8.43
C ASN A 159 8.70 24.55 -8.18
C ASN A 159 8.05 24.53 -8.40
C ASN A 159 8.73 24.53 -8.23
N LEU A 160 8.84 23.23 -8.33
N LEU A 160 8.24 23.21 -8.42
N LEU A 160 8.79 23.20 -8.27
CA LEU A 160 7.68 22.38 -8.11
CA LEU A 160 7.14 22.29 -8.09
CA LEU A 160 7.59 22.41 -8.03
C LEU A 160 7.23 22.43 -6.65
C LEU A 160 6.75 22.45 -6.63
N TYR A 161 8.17 22.42 -5.70
N TYR A 161 7.72 22.40 -5.73
CA TYR A 161 7.80 22.51 -4.30
CA TYR A 161 7.44 22.56 -4.31
C TYR A 161 6.95 23.75 -4.04
C TYR A 161 6.65 23.84 -4.05
N ASP A 162 7.43 24.92 -4.47
N ASP A 162 7.00 24.91 -4.75
CA ASP A 162 6.67 26.14 -4.25
CA ASP A 162 6.30 26.18 -4.58
C ASP A 162 5.29 26.05 -4.89
C ASP A 162 4.84 26.06 -4.99
N LYS A 163 5.20 25.46 -6.07
N LYS A 163 4.58 25.43 -6.14
CA LYS A 163 3.90 25.31 -6.71
CA LYS A 163 3.20 25.26 -6.61
C LYS A 163 2.99 24.38 -5.91
C LYS A 163 2.43 24.30 -5.71
N LEU A 164 3.56 23.33 -5.31
N LEU A 164 3.07 23.21 -5.29
CA LEU A 164 2.73 22.38 -4.56
CA LEU A 164 2.42 22.27 -4.38
C LEU A 164 2.17 23.03 -3.30
C LEU A 164 1.98 22.96 -3.11
N VAL A 165 3.00 23.79 -2.58
N VAL A 165 2.87 23.75 -2.52
CA VAL A 165 2.54 24.45 -1.36
CA VAL A 165 2.51 24.52 -1.32
C VAL A 165 1.45 25.46 -1.67
C VAL A 165 1.45 25.56 -1.67
N SER A 166 1.70 26.32 -2.67
N SER A 166 1.70 26.37 -2.70
CA SER A 166 0.77 27.42 -2.92
CA SER A 166 0.81 27.48 -3.02
C SER A 166 -0.58 26.94 -3.39
C SER A 166 -0.54 27.02 -3.56
N SER A 167 -0.64 25.78 -4.04
CA SER A 167 -1.89 25.25 -4.57
C SER A 167 -2.57 24.26 -3.63
N PHE A 168 -1.99 23.99 -2.47
CA PHE A 168 -2.53 22.95 -1.60
C PHE A 168 -3.84 23.40 -0.97
N LEU A 169 -4.85 22.54 -1.02
N LEU A 169 -4.85 22.54 -1.02
CA LEU A 169 -6.14 22.86 -0.44
CA LEU A 169 -6.14 22.86 -0.41
C LEU A 169 -6.27 22.18 0.91
C LEU A 169 -6.24 22.23 0.97
N SER B 1 -11.40 -24.06 -18.51
N SER B 1 -11.37 -23.98 -18.49
CA SER B 1 -11.80 -24.32 -17.11
CA SER B 1 -11.74 -24.28 -17.10
C SER B 1 -12.52 -23.13 -16.50
C SER B 1 -12.51 -23.12 -16.50
N MET B 2 -13.20 -23.38 -15.40
N MET B 2 -13.20 -23.40 -15.40
CA MET B 2 -14.10 -22.43 -14.77
CA MET B 2 -14.09 -22.45 -14.75
C MET B 2 -13.49 -21.98 -13.45
C MET B 2 -13.42 -22.00 -13.46
N VAL B 3 -13.06 -20.72 -13.40
CA VAL B 3 -12.50 -20.13 -12.19
C VAL B 3 -13.23 -18.81 -11.94
N ASN B 4 -13.22 -18.40 -10.68
CA ASN B 4 -13.89 -17.16 -10.27
C ASN B 4 -15.33 -17.14 -10.77
N SER B 5 -16.02 -18.27 -10.61
CA SER B 5 -17.41 -18.39 -11.07
C SER B 5 -18.34 -18.16 -9.89
N PHE B 6 -18.43 -16.91 -9.48
CA PHE B 6 -19.28 -16.50 -8.38
C PHE B 6 -20.72 -16.44 -8.86
N SER B 7 -21.64 -17.01 -8.07
CA SER B 7 -23.04 -17.10 -8.45
C SER B 7 -23.91 -16.83 -7.23
N GLY B 8 -25.01 -16.09 -7.46
CA GLY B 8 -25.98 -15.85 -6.42
C GLY B 8 -25.62 -14.77 -5.44
N TYR B 9 -24.71 -13.87 -5.78
CA TYR B 9 -24.34 -12.79 -4.89
C TYR B 9 -25.25 -11.60 -5.07
N LEU B 10 -25.49 -10.89 -3.97
CA LEU B 10 -26.23 -9.65 -3.97
C LEU B 10 -25.25 -8.50 -4.08
N LYS B 11 -25.51 -7.59 -5.02
CA LYS B 11 -24.65 -6.44 -5.24
C LYS B 11 -24.96 -5.39 -4.17
N LEU B 12 -23.94 -4.98 -3.41
CA LEU B 12 -24.06 -3.87 -2.49
C LEU B 12 -23.55 -2.57 -3.08
N THR B 13 -22.37 -2.61 -3.70
CA THR B 13 -21.82 -1.49 -4.44
C THR B 13 -21.29 -2.06 -5.76
N ASP B 14 -20.70 -1.18 -6.58
N ASP B 14 -20.69 -1.18 -6.58
CA ASP B 14 -20.20 -1.61 -7.87
CA ASP B 14 -20.20 -1.59 -7.87
C ASP B 14 -19.18 -2.73 -7.74
C ASP B 14 -19.07 -2.61 -7.78
N ASN B 15 -18.47 -2.79 -6.60
CA ASN B 15 -17.40 -3.77 -6.44
C ASN B 15 -17.53 -4.68 -5.24
N VAL B 16 -18.57 -4.54 -4.40
CA VAL B 16 -18.75 -5.35 -3.21
C VAL B 16 -20.04 -6.14 -3.34
N TYR B 17 -19.92 -7.46 -3.22
CA TYR B 17 -21.02 -8.42 -3.37
C TYR B 17 -21.07 -9.29 -2.12
N ILE B 18 -22.26 -9.81 -1.80
CA ILE B 18 -22.43 -10.57 -0.56
C ILE B 18 -23.37 -11.74 -0.80
N LYS B 19 -23.10 -12.83 -0.07
CA LYS B 19 -23.88 -14.05 -0.20
C LYS B 19 -23.95 -14.77 1.15
N ASN B 20 -25.08 -15.38 1.44
CA ASN B 20 -25.21 -16.24 2.62
C ASN B 20 -24.65 -17.60 2.23
N ALA B 21 -23.45 -17.92 2.71
CA ALA B 21 -22.79 -19.14 2.27
C ALA B 21 -21.65 -19.50 3.21
N ASP B 22 -21.29 -20.78 3.18
CA ASP B 22 -20.12 -21.33 3.85
C ASP B 22 -18.91 -21.09 2.95
N ILE B 23 -17.93 -20.32 3.44
CA ILE B 23 -16.82 -19.89 2.59
C ILE B 23 -16.00 -21.05 2.06
N VAL B 24 -15.91 -22.15 2.83
CA VAL B 24 -15.20 -23.34 2.33
C VAL B 24 -15.96 -23.96 1.16
N GLU B 25 -17.27 -24.17 1.32
CA GLU B 25 -18.05 -24.71 0.23
C GLU B 25 -18.03 -23.77 -0.96
N GLU B 26 -18.09 -22.46 -0.71
N GLU B 26 -18.09 -22.46 -0.71
CA GLU B 26 -18.02 -21.49 -1.79
CA GLU B 26 -18.03 -21.49 -1.80
C GLU B 26 -16.69 -21.59 -2.53
C GLU B 26 -16.70 -21.59 -2.54
N ALA B 27 -15.59 -21.66 -1.79
CA ALA B 27 -14.29 -21.75 -2.43
C ALA B 27 -14.22 -22.97 -3.34
N LYS B 28 -14.70 -24.12 -2.86
CA LYS B 28 -14.62 -25.33 -3.67
C LYS B 28 -15.49 -25.24 -4.92
N LYS B 29 -16.59 -24.49 -4.86
CA LYS B 29 -17.47 -24.36 -6.02
C LYS B 29 -17.04 -23.25 -6.97
N VAL B 30 -16.62 -22.09 -6.43
CA VAL B 30 -16.29 -20.92 -7.23
C VAL B 30 -14.93 -21.07 -7.92
N LYS B 31 -14.03 -21.80 -7.29
CA LYS B 31 -12.65 -21.93 -7.73
C LYS B 31 -11.98 -20.56 -7.88
N PRO B 32 -11.92 -19.77 -6.79
CA PRO B 32 -11.37 -18.42 -6.88
C PRO B 32 -9.85 -18.40 -7.00
N THR B 33 -9.35 -17.35 -7.65
CA THR B 33 -7.92 -17.09 -7.63
C THR B 33 -7.42 -16.85 -6.22
N VAL B 34 -8.22 -16.13 -5.40
CA VAL B 34 -7.80 -15.75 -4.06
C VAL B 34 -8.94 -15.99 -3.10
N VAL B 35 -8.68 -16.75 -2.04
CA VAL B 35 -9.55 -16.78 -0.86
C VAL B 35 -8.82 -16.07 0.28
N VAL B 36 -9.54 -15.22 1.00
CA VAL B 36 -8.98 -14.51 2.14
C VAL B 36 -9.20 -15.33 3.40
N ASN B 37 -8.14 -15.45 4.20
CA ASN B 37 -8.24 -16.00 5.54
C ASN B 37 -8.24 -14.89 6.56
N ALA B 38 -9.09 -15.07 7.58
CA ALA B 38 -9.13 -14.22 8.78
C ALA B 38 -8.02 -14.69 9.72
N ALA B 39 -6.80 -14.24 9.42
CA ALA B 39 -5.60 -14.74 10.06
C ALA B 39 -5.24 -13.93 11.31
N ASN B 40 -4.32 -14.49 12.09
CA ASN B 40 -3.63 -13.78 13.15
C ASN B 40 -2.14 -13.69 12.82
N VAL B 41 -1.40 -12.93 13.63
CA VAL B 41 -0.04 -12.56 13.24
C VAL B 41 0.89 -13.77 13.16
N TYR B 42 0.63 -14.83 13.93
CA TYR B 42 1.47 -16.02 13.88
C TYR B 42 0.86 -17.11 13.01
N LEU B 43 -0.18 -16.79 12.24
CA LEU B 43 -0.79 -17.74 11.32
C LEU B 43 -1.12 -19.06 12.02
N LYS B 44 -1.69 -18.96 13.21
CA LYS B 44 -2.17 -20.10 13.97
C LYS B 44 -3.67 -20.23 13.71
N HIS B 45 -4.04 -21.20 12.89
CA HIS B 45 -5.38 -21.28 12.32
C HIS B 45 -6.27 -22.15 13.20
N GLY B 46 -6.63 -21.59 14.36
N GLY B 46 -6.60 -21.60 14.36
CA GLY B 46 -7.34 -22.34 15.38
CA GLY B 46 -7.35 -22.35 15.36
C GLY B 46 -8.86 -22.38 15.27
C GLY B 46 -8.85 -22.38 15.12
N GLY B 47 -9.48 -21.21 15.16
CA GLY B 47 -10.93 -21.11 15.22
C GLY B 47 -11.53 -20.33 14.06
N GLY B 48 -12.86 -20.25 14.07
CA GLY B 48 -13.54 -19.45 13.09
C GLY B 48 -13.16 -19.81 11.67
N VAL B 49 -13.05 -18.79 10.82
CA VAL B 49 -12.74 -19.00 9.41
C VAL B 49 -11.41 -19.72 9.25
N ALA B 50 -10.38 -19.28 9.96
CA ALA B 50 -9.06 -19.88 9.78
C ALA B 50 -9.08 -21.37 10.11
N GLY B 51 -9.74 -21.74 11.20
CA GLY B 51 -9.82 -23.15 11.53
C GLY B 51 -10.52 -23.95 10.46
N ALA B 52 -11.61 -23.40 9.91
CA ALA B 52 -12.34 -24.09 8.86
C ALA B 52 -11.52 -24.24 7.59
N LEU B 53 -10.85 -23.16 7.15
CA LEU B 53 -10.03 -23.26 5.96
C LEU B 53 -8.91 -24.28 6.15
N ASN B 54 -8.23 -24.22 7.29
CA ASN B 54 -7.13 -25.13 7.51
C ASN B 54 -7.61 -26.58 7.55
N LYS B 55 -8.74 -26.83 8.23
CA LYS B 55 -9.29 -28.18 8.26
C LYS B 55 -9.58 -28.69 6.86
N ALA B 56 -10.12 -27.81 5.99
CA ALA B 56 -10.43 -28.25 4.63
C ALA B 56 -9.17 -28.68 3.88
N THR B 57 -8.02 -28.08 4.22
CA THR B 57 -6.76 -28.46 3.61
C THR B 57 -6.08 -29.63 4.30
N ASN B 58 -6.75 -30.28 5.26
CA ASN B 58 -6.16 -31.39 6.00
C ASN B 58 -4.86 -30.98 6.67
N ASN B 59 -4.82 -29.77 7.21
CA ASN B 59 -3.71 -29.20 7.97
C ASN B 59 -2.54 -28.76 7.10
N ALA B 60 -2.62 -28.89 5.78
CA ALA B 60 -1.52 -28.45 4.92
C ALA B 60 -1.29 -26.95 5.04
N MET B 61 -2.37 -26.19 5.21
CA MET B 61 -2.22 -24.75 5.39
C MET B 61 -1.40 -24.44 6.64
N GLN B 62 -1.67 -25.15 7.75
CA GLN B 62 -0.94 -24.87 8.97
C GLN B 62 0.54 -25.22 8.84
N VAL B 63 0.85 -26.35 8.21
CA VAL B 63 2.25 -26.73 8.03
C VAL B 63 2.97 -25.68 7.21
N GLU B 64 2.36 -25.25 6.11
CA GLU B 64 2.95 -24.21 5.26
C GLU B 64 3.11 -22.91 6.02
N SER B 65 2.12 -22.56 6.83
CA SER B 65 2.14 -21.33 7.60
C SER B 65 3.26 -21.34 8.65
N ASP B 66 3.44 -22.46 9.35
CA ASP B 66 4.51 -22.52 10.34
C ASP B 66 5.88 -22.34 9.68
N ASP B 67 6.06 -22.92 8.49
CA ASP B 67 7.30 -22.71 7.76
C ASP B 67 7.48 -21.25 7.36
N TYR B 68 6.41 -20.60 6.90
CA TYR B 68 6.48 -19.17 6.57
C TYR B 68 6.93 -18.36 7.78
N ILE B 69 6.36 -18.64 8.96
CA ILE B 69 6.70 -17.91 10.17
C ILE B 69 8.15 -18.15 10.57
N ALA B 70 8.62 -19.39 10.44
CA ALA B 70 10.02 -19.66 10.77
C ALA B 70 10.95 -18.80 9.93
N THR B 71 10.61 -18.62 8.65
CA THR B 71 11.48 -17.87 7.76
C THR B 71 11.32 -16.36 7.91
N ASN B 72 10.10 -15.90 8.15
CA ASN B 72 9.76 -14.48 8.01
C ASN B 72 9.36 -13.79 9.31
N GLY B 73 9.03 -14.54 10.36
CA GLY B 73 8.50 -13.95 11.57
C GLY B 73 7.04 -13.56 11.40
N PRO B 74 6.44 -13.07 12.48
CA PRO B 74 5.01 -12.78 12.46
C PRO B 74 4.66 -11.59 11.58
N LEU B 75 3.42 -11.60 11.12
CA LEU B 75 2.86 -10.47 10.40
C LEU B 75 2.60 -9.31 11.37
N LYS B 76 2.30 -8.14 10.80
CA LYS B 76 1.77 -7.02 11.58
C LYS B 76 0.24 -7.07 11.55
N VAL B 77 -0.38 -6.63 12.65
CA VAL B 77 -1.82 -6.40 12.60
C VAL B 77 -2.09 -5.35 11.53
N GLY B 78 -3.01 -5.66 10.62
CA GLY B 78 -3.27 -4.84 9.45
C GLY B 78 -2.53 -5.29 8.21
N GLY B 79 -1.61 -6.26 8.34
CA GLY B 79 -0.85 -6.74 7.21
C GLY B 79 -1.37 -8.07 6.68
N SER B 80 -0.63 -8.61 5.70
CA SER B 80 -1.05 -9.83 5.03
C SER B 80 0.16 -10.54 4.42
N CYS B 81 -0.07 -11.79 4.03
CA CYS B 81 0.86 -12.50 3.17
C CYS B 81 0.07 -13.40 2.23
N VAL B 82 0.67 -13.71 1.09
CA VAL B 82 0.10 -14.61 0.10
C VAL B 82 0.77 -15.97 0.23
N LEU B 83 -0.04 -17.00 0.45
CA LEU B 83 0.42 -18.39 0.49
C LEU B 83 -0.44 -19.22 -0.46
N SER B 84 -0.20 -20.53 -0.52
CA SER B 84 -0.99 -21.38 -1.39
C SER B 84 -2.44 -21.43 -0.93
N GLY B 85 -3.33 -21.61 -1.90
CA GLY B 85 -4.72 -21.88 -1.62
C GLY B 85 -5.09 -23.35 -1.54
N HIS B 86 -4.14 -24.27 -1.74
CA HIS B 86 -4.37 -25.71 -1.51
C HIS B 86 -5.55 -26.18 -2.35
N ASN B 87 -6.55 -26.84 -1.76
CA ASN B 87 -7.73 -27.31 -2.47
C ASN B 87 -8.85 -26.28 -2.49
N LEU B 88 -8.58 -25.04 -2.10
CA LEU B 88 -9.59 -24.00 -1.98
C LEU B 88 -9.51 -22.92 -3.05
N ALA B 89 -8.30 -22.62 -3.53
CA ALA B 89 -8.08 -21.44 -4.36
C ALA B 89 -6.67 -21.54 -4.91
N LYS B 90 -6.36 -20.71 -5.89
CA LYS B 90 -4.97 -20.62 -6.32
C LYS B 90 -4.11 -20.16 -5.15
N HIS B 91 -4.52 -19.06 -4.50
CA HIS B 91 -3.80 -18.45 -3.41
C HIS B 91 -4.73 -18.24 -2.22
N CYS B 92 -4.15 -18.26 -1.04
CA CYS B 92 -4.80 -17.75 0.17
C CYS B 92 -4.09 -16.47 0.60
N LEU B 93 -4.86 -15.38 0.69
CA LEU B 93 -4.37 -14.12 1.23
C LEU B 93 -4.71 -14.12 2.72
N HIS B 94 -3.70 -14.30 3.55
CA HIS B 94 -3.87 -14.29 5.00
C HIS B 94 -3.82 -12.84 5.46
N VAL B 95 -4.95 -12.30 5.93
CA VAL B 95 -5.05 -10.89 6.32
C VAL B 95 -5.35 -10.83 7.81
N VAL B 96 -4.59 -10.00 8.52
CA VAL B 96 -4.76 -9.86 9.97
C VAL B 96 -5.56 -8.59 10.25
N GLY B 97 -6.84 -8.74 10.57
CA GLY B 97 -7.62 -7.66 11.10
C GLY B 97 -7.41 -7.56 12.60
N PRO B 98 -7.71 -6.40 13.18
CA PRO B 98 -7.61 -6.28 14.64
C PRO B 98 -8.62 -7.18 15.35
N ASN B 99 -8.18 -7.78 16.44
CA ASN B 99 -9.02 -8.61 17.29
C ASN B 99 -9.45 -7.79 18.49
N VAL B 100 -10.69 -7.29 18.46
N VAL B 100 -10.70 -7.30 18.45
CA VAL B 100 -11.19 -6.47 19.56
CA VAL B 100 -11.21 -6.49 19.55
C VAL B 100 -11.28 -7.30 20.84
C VAL B 100 -11.30 -7.30 20.84
N ASN B 101 -11.55 -8.60 20.73
CA ASN B 101 -11.57 -9.48 21.90
C ASN B 101 -10.18 -9.62 22.54
N LYS B 102 -9.12 -9.22 21.84
CA LYS B 102 -7.77 -9.13 22.40
C LYS B 102 -7.36 -7.70 22.70
N GLY B 103 -8.29 -6.75 22.61
CA GLY B 103 -7.99 -5.36 22.91
C GLY B 103 -7.29 -4.59 21.82
N GLU B 104 -7.16 -5.17 20.62
N GLU B 104 -7.17 -5.16 20.62
CA GLU B 104 -6.44 -4.51 19.54
CA GLU B 104 -6.48 -4.48 19.54
C GLU B 104 -7.28 -3.38 18.96
C GLU B 104 -7.36 -3.37 18.95
N ASP B 105 -6.59 -2.41 18.36
N ASP B 105 -6.71 -2.37 18.37
CA ASP B 105 -7.23 -1.16 17.94
CA ASP B 105 -7.37 -1.14 17.95
C ASP B 105 -8.09 -1.38 16.71
C ASP B 105 -8.20 -1.39 16.69
N ILE B 106 -9.40 -1.16 16.85
N ILE B 106 -9.51 -1.15 16.79
CA ILE B 106 -10.33 -1.31 15.74
CA ILE B 106 -10.40 -1.32 15.65
C ILE B 106 -9.97 -0.39 14.57
C ILE B 106 -10.04 -0.39 14.50
N GLN B 107 -9.24 0.69 14.83
N GLN B 107 -9.28 0.67 14.77
CA GLN B 107 -8.84 1.61 13.76
CA GLN B 107 -8.87 1.59 13.72
C GLN B 107 -7.99 0.93 12.70
C GLN B 107 -7.98 0.92 12.68
N LEU B 108 -7.32 -0.19 13.03
CA LEU B 108 -6.46 -0.89 12.09
C LEU B 108 -7.23 -1.69 11.05
N LEU B 109 -8.55 -1.70 11.13
CA LEU B 109 -9.36 -2.47 10.20
C LEU B 109 -9.25 -1.91 8.78
N LYS B 110 -9.14 -0.59 8.63
CA LYS B 110 -9.01 -0.03 7.28
C LYS B 110 -7.71 -0.51 6.63
N SER B 111 -6.59 -0.45 7.35
CA SER B 111 -5.32 -0.96 6.83
C SER B 111 -5.46 -2.42 6.41
N ALA B 112 -6.15 -3.22 7.23
CA ALA B 112 -6.33 -4.63 6.88
C ALA B 112 -7.07 -4.78 5.56
N TYR B 113 -8.15 -4.04 5.37
CA TYR B 113 -8.90 -4.13 4.12
C TYR B 113 -8.10 -3.62 2.92
N GLU B 114 -7.17 -2.68 3.13
CA GLU B 114 -6.37 -2.19 2.00
C GLU B 114 -5.61 -3.30 1.31
N ASN B 115 -5.29 -4.39 2.04
CA ASN B 115 -4.60 -5.51 1.40
C ASN B 115 -5.42 -6.07 0.24
N PHE B 116 -6.75 -5.99 0.32
CA PHE B 116 -7.58 -6.58 -0.73
C PHE B 116 -7.35 -5.88 -2.06
N ASN B 117 -6.94 -4.60 -2.03
CA ASN B 117 -6.79 -3.83 -3.27
C ASN B 117 -5.63 -4.31 -4.13
N GLN B 118 -4.79 -5.20 -3.61
CA GLN B 118 -3.70 -5.79 -4.39
C GLN B 118 -4.15 -6.98 -5.22
N HIS B 119 -5.44 -7.31 -5.23
CA HIS B 119 -5.98 -8.45 -5.95
C HIS B 119 -7.24 -8.05 -6.68
N GLU B 120 -7.35 -8.39 -7.96
CA GLU B 120 -8.47 -7.89 -8.76
C GLU B 120 -9.80 -8.48 -8.31
N VAL B 121 -9.82 -9.71 -7.81
CA VAL B 121 -11.05 -10.36 -7.36
C VAL B 121 -10.71 -11.32 -6.23
N LEU B 122 -11.53 -11.33 -5.18
CA LEU B 122 -11.31 -12.14 -3.99
C LEU B 122 -12.62 -12.68 -3.47
N LEU B 123 -12.57 -13.90 -2.92
CA LEU B 123 -13.59 -14.45 -2.04
C LEU B 123 -13.13 -14.22 -0.60
N ALA B 124 -13.99 -13.63 0.23
CA ALA B 124 -13.51 -13.19 1.54
C ALA B 124 -14.57 -13.27 2.62
N PRO B 125 -14.15 -13.39 3.87
CA PRO B 125 -15.03 -13.12 5.02
C PRO B 125 -14.93 -11.65 5.41
N LEU B 126 -15.85 -11.22 6.28
CA LEU B 126 -15.74 -9.89 6.88
C LEU B 126 -14.62 -9.88 7.91
N LEU B 127 -13.64 -9.01 7.72
CA LEU B 127 -12.50 -8.96 8.61
C LEU B 127 -12.91 -8.46 9.99
N SER B 128 -12.26 -9.01 11.00
CA SER B 128 -12.42 -8.67 12.40
C SER B 128 -13.79 -9.04 12.95
N ALA B 129 -14.64 -9.73 12.16
CA ALA B 129 -15.94 -10.17 12.63
C ALA B 129 -15.81 -11.47 13.42
N GLY B 130 -16.95 -11.92 13.93
CA GLY B 130 -17.00 -13.23 14.56
C GLY B 130 -16.14 -13.29 15.80
N ILE B 131 -15.26 -14.30 15.84
CA ILE B 131 -14.41 -14.50 16.99
C ILE B 131 -13.42 -13.36 17.21
N PHE B 132 -13.25 -12.47 16.23
CA PHE B 132 -12.39 -11.30 16.38
C PHE B 132 -13.10 -10.14 17.09
N GLY B 133 -14.42 -10.18 17.23
CA GLY B 133 -15.12 -9.30 18.14
C GLY B 133 -15.60 -7.95 17.62
N ALA B 134 -15.29 -7.59 16.38
CA ALA B 134 -15.79 -6.31 15.88
C ALA B 134 -17.25 -6.43 15.45
N ASP B 135 -17.90 -5.28 15.36
CA ASP B 135 -19.26 -5.23 14.86
C ASP B 135 -19.23 -5.55 13.37
N PRO B 136 -19.90 -6.62 12.93
CA PRO B 136 -19.86 -6.94 11.48
C PRO B 136 -20.44 -5.86 10.61
N ILE B 137 -21.41 -5.08 11.13
CA ILE B 137 -21.94 -3.95 10.37
C ILE B 137 -20.83 -2.94 10.09
N HIS B 138 -19.99 -2.68 11.10
CA HIS B 138 -18.87 -1.77 10.90
C HIS B 138 -17.85 -2.37 9.94
N SER B 139 -17.59 -3.66 10.05
CA SER B 139 -16.63 -4.28 9.14
C SER B 139 -17.09 -4.15 7.70
N LEU B 140 -18.40 -4.34 7.44
CA LEU B 140 -18.93 -4.16 6.10
C LEU B 140 -18.76 -2.72 5.64
N ARG B 141 -19.02 -1.76 6.54
CA ARG B 141 -18.82 -0.35 6.24
C ARG B 141 -17.39 -0.08 5.80
N VAL B 142 -16.42 -0.54 6.59
CA VAL B 142 -15.03 -0.28 6.24
C VAL B 142 -14.68 -0.98 4.93
N CYS B 143 -15.18 -2.19 4.72
CA CYS B 143 -14.95 -2.89 3.46
C CYS B 143 -15.41 -2.04 2.28
N VAL B 144 -16.66 -1.60 2.32
CA VAL B 144 -17.20 -0.83 1.20
C VAL B 144 -16.44 0.47 0.99
N ASP B 145 -15.99 1.10 2.07
CA ASP B 145 -15.32 2.40 1.99
C ASP B 145 -13.82 2.27 1.70
N THR B 146 -13.29 1.06 1.64
CA THR B 146 -11.85 0.85 1.47
C THR B 146 -11.49 0.02 0.25
N VAL B 147 -12.22 -1.07 0.02
CA VAL B 147 -11.89 -1.97 -1.06
C VAL B 147 -12.46 -1.42 -2.36
N ARG B 148 -11.63 -1.39 -3.40
CA ARG B 148 -12.02 -0.95 -4.72
C ARG B 148 -11.99 -2.07 -5.75
N THR B 149 -11.30 -3.17 -5.47
CA THR B 149 -11.31 -4.35 -6.31
C THR B 149 -12.56 -5.16 -6.00
N ASN B 150 -12.77 -6.24 -6.74
CA ASN B 150 -14.03 -6.98 -6.67
C ASN B 150 -13.98 -7.98 -5.53
N VAL B 151 -14.77 -7.75 -4.49
CA VAL B 151 -14.78 -8.60 -3.31
C VAL B 151 -16.16 -9.25 -3.17
N TYR B 152 -16.13 -10.58 -3.03
CA TYR B 152 -17.29 -11.43 -2.86
C TYR B 152 -17.26 -11.94 -1.42
N LEU B 153 -18.17 -11.42 -0.59
CA LEU B 153 -18.20 -11.72 0.83
C LEU B 153 -19.13 -12.90 1.11
N ALA B 154 -18.63 -13.85 1.87
CA ALA B 154 -19.41 -15.01 2.30
C ALA B 154 -19.75 -14.85 3.78
N VAL B 155 -21.04 -14.86 4.10
CA VAL B 155 -21.53 -14.76 5.47
C VAL B 155 -22.28 -16.05 5.79
N PHE B 156 -21.81 -16.78 6.79
CA PHE B 156 -22.34 -18.12 7.06
C PHE B 156 -23.76 -18.08 7.62
N ASP B 157 -24.00 -17.25 8.62
CA ASP B 157 -25.27 -17.25 9.32
C ASP B 157 -26.29 -16.42 8.56
N LYS B 158 -27.38 -17.06 8.12
N LYS B 158 -27.39 -17.06 8.14
CA LYS B 158 -28.46 -16.36 7.42
CA LYS B 158 -28.45 -16.36 7.42
C LYS B 158 -28.95 -15.16 8.20
C LYS B 158 -28.97 -15.16 8.20
N ASN B 159 -29.04 -15.27 9.53
CA ASN B 159 -29.57 -14.17 10.32
C ASN B 159 -28.61 -12.97 10.35
N LEU B 160 -27.30 -13.23 10.37
CA LEU B 160 -26.35 -12.13 10.26
C LEU B 160 -26.36 -11.54 8.86
N TYR B 161 -26.42 -12.40 7.84
CA TYR B 161 -26.55 -11.93 6.47
C TYR B 161 -27.72 -10.95 6.34
N ASP B 162 -28.88 -11.33 6.87
CA ASP B 162 -30.06 -10.47 6.78
C ASP B 162 -29.84 -9.16 7.50
N LYS B 163 -29.21 -9.20 8.68
N LYS B 163 -29.19 -9.20 8.67
CA LYS B 163 -28.94 -7.96 9.40
CA LYS B 163 -28.94 -7.96 9.41
C LYS B 163 -28.00 -7.06 8.60
C LYS B 163 -27.98 -7.05 8.64
N LEU B 164 -26.98 -7.64 7.99
CA LEU B 164 -26.02 -6.86 7.20
C LEU B 164 -26.69 -6.24 5.98
N VAL B 165 -27.46 -7.03 5.23
CA VAL B 165 -28.08 -6.53 4.01
C VAL B 165 -29.16 -5.51 4.34
N SER B 166 -30.02 -5.86 5.30
CA SER B 166 -31.18 -5.01 5.58
C SER B 166 -30.77 -3.66 6.14
N SER B 167 -29.62 -3.57 6.81
CA SER B 167 -29.16 -2.33 7.41
C SER B 167 -28.15 -1.57 6.55
N PHE B 168 -27.69 -2.13 5.44
CA PHE B 168 -26.69 -1.44 4.63
C PHE B 168 -27.28 -0.21 3.95
N LEU B 169 -28.55 -0.27 3.57
CA LEU B 169 -29.21 0.83 2.88
C LEU B 169 -30.70 0.91 3.23
#